data_2RBG
#
_entry.id   2RBG
#
_cell.length_a   39.444
_cell.length_b   65.184
_cell.length_c   49.604
_cell.angle_alpha   90.00
_cell.angle_beta   98.19
_cell.angle_gamma   90.00
#
_symmetry.space_group_name_H-M   'P 1 21 1'
#
loop_
_entity.id
_entity.type
_entity.pdbx_description
1 polymer 'Putative uncharacterized protein ST0493'
2 non-polymer 'SULFATE ION'
3 water water
#
_entity_poly.entity_id   1
_entity_poly.type   'polypeptide(L)'
_entity_poly.pdbx_seq_one_letter_code
;(MSE)PYKNILTLISVNNDNFENYFRKIFLDVRSSGSKKTTINVFTEIQYQELVTLIREALLENIDIGYELFLWKKNEVD
IFLKNLEKSEVDGLLVYCDDENKVF(MSE)SKIVDNLPTAIKRNLIKDFCRKLS
;
_entity_poly.pdbx_strand_id   A,B
#
loop_
_chem_comp.id
_chem_comp.type
_chem_comp.name
_chem_comp.formula
SO4 non-polymer 'SULFATE ION' 'O4 S -2'
#
# COMPACT_ATOMS: atom_id res chain seq x y z
N TYR A 3 -3.47 -2.70 20.34
CA TYR A 3 -4.83 -2.51 19.77
C TYR A 3 -5.80 -3.56 20.30
N LYS A 4 -6.99 -3.11 20.68
CA LYS A 4 -8.02 -3.99 21.23
C LYS A 4 -9.26 -4.12 20.35
N ASN A 5 -9.54 -3.10 19.55
CA ASN A 5 -10.71 -3.14 18.66
C ASN A 5 -10.45 -2.25 17.45
N ILE A 6 -10.15 -2.91 16.34
CA ILE A 6 -9.84 -2.23 15.08
C ILE A 6 -11.08 -1.77 14.32
N LEU A 7 -11.09 -0.51 13.91
CA LEU A 7 -12.20 0.02 13.12
C LEU A 7 -11.82 -0.29 11.67
N THR A 8 -12.61 -1.13 11.02
CA THR A 8 -12.34 -1.50 9.63
C THR A 8 -13.40 -0.89 8.72
N LEU A 9 -12.95 -0.12 7.73
CA LEU A 9 -13.85 0.52 6.79
C LEU A 9 -13.55 -0.03 5.40
N ILE A 10 -14.59 -0.42 4.68
CA ILE A 10 -14.41 -0.94 3.33
C ILE A 10 -15.53 -0.56 2.39
N SER A 11 -15.15 -0.17 1.18
CA SER A 11 -16.10 0.17 0.14
C SER A 11 -15.53 -0.35 -1.17
N VAL A 12 -16.08 -1.44 -1.67
CA VAL A 12 -15.64 -2.04 -2.92
C VAL A 12 -16.84 -2.59 -3.68
N ASN A 13 -16.63 -2.91 -4.95
CA ASN A 13 -17.68 -3.48 -5.78
C ASN A 13 -17.89 -4.90 -5.26
N ASN A 14 -19.07 -5.46 -5.50
CA ASN A 14 -19.39 -6.81 -5.02
C ASN A 14 -18.39 -7.90 -5.40
N ASP A 15 -17.83 -7.81 -6.61
CA ASP A 15 -16.88 -8.81 -7.07
C ASP A 15 -15.56 -8.80 -6.30
N ASN A 16 -15.34 -7.77 -5.50
CA ASN A 16 -14.11 -7.64 -4.73
C ASN A 16 -14.18 -8.06 -3.25
N PHE A 17 -15.38 -8.34 -2.75
CA PHE A 17 -15.52 -8.71 -1.35
C PHE A 17 -14.68 -9.89 -0.89
N GLU A 18 -14.73 -11.00 -1.63
CA GLU A 18 -13.96 -12.17 -1.25
C GLU A 18 -12.47 -11.88 -1.10
N ASN A 19 -11.88 -11.23 -2.10
CA ASN A 19 -10.46 -10.91 -2.06
C ASN A 19 -10.11 -9.91 -0.97
N TYR A 20 -10.91 -8.86 -0.82
CA TYR A 20 -10.63 -7.86 0.19
C TYR A 20 -10.81 -8.34 1.62
N PHE A 21 -11.79 -9.20 1.88
CA PHE A 21 -11.97 -9.68 3.24
C PHE A 21 -10.80 -10.56 3.67
N ARG A 22 -10.12 -11.15 2.69
CA ARG A 22 -8.97 -11.97 2.99
C ARG A 22 -7.90 -11.01 3.52
N LYS A 23 -7.82 -9.82 2.93
CA LYS A 23 -6.85 -8.82 3.36
C LYS A 23 -7.20 -8.30 4.76
N ILE A 24 -8.48 -8.03 4.98
CA ILE A 24 -8.93 -7.52 6.26
C ILE A 24 -8.44 -8.35 7.43
N PHE A 25 -8.64 -9.67 7.36
CA PHE A 25 -8.22 -10.52 8.46
C PHE A 25 -6.70 -10.66 8.59
N LEU A 26 -5.98 -10.57 7.47
CA LEU A 26 -4.53 -10.63 7.52
C LEU A 26 -4.06 -9.43 8.34
N ASP A 27 -4.62 -8.27 8.06
CA ASP A 27 -4.25 -7.04 8.75
C ASP A 27 -4.70 -7.03 10.21
N VAL A 28 -5.92 -7.49 10.47
CA VAL A 28 -6.40 -7.51 11.84
C VAL A 28 -5.53 -8.42 12.70
N ARG A 29 -5.20 -9.60 12.17
CA ARG A 29 -4.37 -10.54 12.92
C ARG A 29 -3.00 -9.92 13.25
N SER A 30 -2.39 -9.26 12.27
CA SER A 30 -1.09 -8.63 12.47
C SER A 30 -1.12 -7.46 13.45
N SER A 31 -2.28 -6.83 13.60
CA SER A 31 -2.42 -5.68 14.49
C SER A 31 -2.31 -6.05 15.97
N GLY A 32 -2.53 -7.33 16.28
CA GLY A 32 -2.46 -7.78 17.65
C GLY A 32 -3.83 -7.80 18.29
N SER A 33 -4.80 -7.19 17.61
CA SER A 33 -6.16 -7.14 18.11
C SER A 33 -6.86 -8.46 17.80
N LYS A 34 -7.81 -8.84 18.65
CA LYS A 34 -8.55 -10.06 18.45
C LYS A 34 -9.99 -9.69 18.11
N LYS A 35 -10.22 -8.39 17.94
CA LYS A 35 -11.55 -7.86 17.63
C LYS A 35 -11.51 -6.75 16.59
N THR A 36 -12.57 -6.63 15.81
CA THR A 36 -12.67 -5.59 14.82
C THR A 36 -14.14 -5.33 14.54
N THR A 37 -14.47 -4.06 14.31
CA THR A 37 -15.84 -3.70 13.98
C THR A 37 -15.75 -3.26 12.53
N ILE A 38 -16.33 -4.09 11.66
CA ILE A 38 -16.27 -3.88 10.22
C ILE A 38 -17.47 -3.11 9.67
N ASN A 39 -17.20 -2.04 8.95
CA ASN A 39 -18.23 -1.21 8.36
C ASN A 39 -18.10 -1.22 6.86
N VAL A 40 -19.13 -1.78 6.21
CA VAL A 40 -19.14 -1.92 4.76
C VAL A 40 -20.13 -0.97 4.11
N PHE A 41 -19.64 -0.15 3.19
CA PHE A 41 -20.48 0.80 2.49
C PHE A 41 -20.81 0.16 1.15
N THR A 42 -22.00 -0.40 1.08
CA THR A 42 -22.45 -1.11 -0.11
C THR A 42 -23.97 -1.10 -0.20
N GLU A 43 -24.49 -1.52 -1.35
CA GLU A 43 -25.94 -1.58 -1.56
C GLU A 43 -26.41 -3.04 -1.40
N ILE A 44 -25.45 -3.93 -1.20
CA ILE A 44 -25.74 -5.36 -1.05
C ILE A 44 -26.36 -5.65 0.32
N GLN A 45 -27.11 -6.74 0.42
CA GLN A 45 -27.75 -7.12 1.68
C GLN A 45 -26.83 -7.98 2.56
N TYR A 46 -27.05 -7.91 3.86
CA TYR A 46 -26.25 -8.65 4.84
C TYR A 46 -26.04 -10.12 4.47
N GLN A 47 -27.13 -10.86 4.29
CA GLN A 47 -27.05 -12.27 3.97
C GLN A 47 -26.25 -12.59 2.71
N GLU A 48 -26.38 -11.75 1.68
CA GLU A 48 -25.63 -11.99 0.45
C GLU A 48 -24.13 -11.78 0.70
N LEU A 49 -23.80 -10.76 1.49
CA LEU A 49 -22.41 -10.48 1.80
C LEU A 49 -21.80 -11.64 2.58
N VAL A 50 -22.47 -12.03 3.65
CA VAL A 50 -22.01 -13.13 4.49
C VAL A 50 -21.78 -14.39 3.67
N THR A 51 -22.60 -14.57 2.63
CA THR A 51 -22.46 -15.73 1.77
C THR A 51 -21.16 -15.61 0.97
N LEU A 52 -20.90 -14.42 0.44
CA LEU A 52 -19.69 -14.18 -0.34
C LEU A 52 -18.41 -14.33 0.47
N ILE A 53 -18.42 -13.86 1.71
CA ILE A 53 -17.22 -13.92 2.53
C ILE A 53 -17.21 -15.07 3.54
N ARG A 54 -18.11 -16.04 3.35
CA ARG A 54 -18.19 -17.18 4.25
C ARG A 54 -16.83 -17.82 4.54
N GLU A 55 -16.05 -18.05 3.50
CA GLU A 55 -14.72 -18.67 3.66
C GLU A 55 -13.80 -17.83 4.52
N ALA A 56 -13.81 -16.51 4.31
CA ALA A 56 -12.96 -15.63 5.09
C ALA A 56 -13.36 -15.67 6.56
N LEU A 57 -14.67 -15.69 6.82
CA LEU A 57 -15.15 -15.75 8.19
C LEU A 57 -14.76 -17.06 8.87
N LEU A 58 -14.87 -18.16 8.14
CA LEU A 58 -14.52 -19.47 8.68
C LEU A 58 -13.04 -19.58 9.01
N GLU A 59 -12.20 -19.10 8.09
CA GLU A 59 -10.76 -19.15 8.26
C GLU A 59 -10.27 -18.32 9.45
N ASN A 60 -11.06 -17.33 9.83
CA ASN A 60 -10.69 -16.44 10.93
C ASN A 60 -11.69 -16.46 12.06
N ILE A 61 -12.16 -17.67 12.38
CA ILE A 61 -13.13 -17.90 13.44
C ILE A 61 -12.69 -17.36 14.80
N ASP A 62 -11.39 -17.34 15.05
CA ASP A 62 -10.88 -16.85 16.33
C ASP A 62 -11.05 -15.36 16.51
N ILE A 63 -11.13 -14.62 15.41
CA ILE A 63 -11.28 -13.18 15.47
C ILE A 63 -12.73 -12.79 15.74
N GLY A 64 -12.93 -11.93 16.74
CA GLY A 64 -14.28 -11.49 17.06
C GLY A 64 -14.58 -10.30 16.18
N TYR A 65 -15.77 -10.24 15.59
CA TYR A 65 -16.08 -9.11 14.74
C TYR A 65 -17.56 -8.77 14.75
N GLU A 66 -17.84 -7.53 14.35
CA GLU A 66 -19.20 -7.04 14.24
C GLU A 66 -19.24 -6.57 12.80
N LEU A 67 -20.37 -6.75 12.13
CA LEU A 67 -20.50 -6.35 10.75
C LEU A 67 -21.69 -5.39 10.56
N PHE A 68 -21.40 -4.24 9.98
CA PHE A 68 -22.42 -3.22 9.74
C PHE A 68 -22.37 -2.81 8.28
N LEU A 69 -23.52 -2.83 7.61
CA LEU A 69 -23.59 -2.42 6.22
C LEU A 69 -24.30 -1.08 6.14
N TRP A 70 -23.75 -0.18 5.33
CA TRP A 70 -24.32 1.15 5.16
C TRP A 70 -24.45 1.52 3.70
N LYS A 71 -25.61 2.05 3.31
CA LYS A 71 -25.78 2.50 1.95
C LYS A 71 -25.02 3.83 2.00
N LYS A 72 -24.50 4.27 0.86
CA LYS A 72 -23.73 5.52 0.84
C LYS A 72 -24.47 6.70 1.47
N ASN A 73 -25.80 6.67 1.43
CA ASN A 73 -26.60 7.75 2.00
C ASN A 73 -26.75 7.63 3.52
N GLU A 74 -26.22 6.55 4.09
CA GLU A 74 -26.31 6.32 5.53
C GLU A 74 -25.00 6.58 6.25
N VAL A 75 -24.04 7.17 5.55
CA VAL A 75 -22.74 7.45 6.16
C VAL A 75 -22.90 8.30 7.40
N ASP A 76 -23.92 9.17 7.43
CA ASP A 76 -24.11 10.01 8.60
C ASP A 76 -24.46 9.19 9.86
N ILE A 77 -25.16 8.09 9.68
CA ILE A 77 -25.52 7.23 10.82
C ILE A 77 -24.24 6.56 11.31
N PHE A 78 -23.42 6.10 10.38
CA PHE A 78 -22.16 5.47 10.72
C PHE A 78 -21.30 6.40 11.57
N LEU A 79 -21.14 7.64 11.09
CA LEU A 79 -20.33 8.61 11.80
C LEU A 79 -20.89 8.94 13.18
N LYS A 80 -22.22 9.00 13.29
CA LYS A 80 -22.82 9.31 14.59
C LYS A 80 -22.59 8.15 15.55
N ASN A 81 -22.85 6.93 15.09
CA ASN A 81 -22.65 5.74 15.92
C ASN A 81 -21.20 5.59 16.34
N LEU A 82 -20.29 6.07 15.51
CA LEU A 82 -18.86 5.98 15.80
C LEU A 82 -18.53 6.69 17.12
N GLU A 83 -19.32 7.70 17.48
CA GLU A 83 -19.09 8.43 18.72
C GLU A 83 -19.14 7.51 19.94
N LYS A 84 -19.91 6.42 19.84
CA LYS A 84 -20.05 5.48 20.96
C LYS A 84 -19.21 4.21 20.82
N SER A 85 -18.52 4.06 19.71
CA SER A 85 -17.72 2.87 19.45
C SER A 85 -16.30 3.00 19.99
N GLU A 86 -15.88 2.02 20.79
CA GLU A 86 -14.55 2.02 21.36
C GLU A 86 -13.58 1.31 20.43
N VAL A 87 -12.93 2.09 19.57
CA VAL A 87 -11.96 1.56 18.62
C VAL A 87 -10.62 2.25 18.84
N ASP A 88 -9.53 1.56 18.53
CA ASP A 88 -8.19 2.12 18.73
C ASP A 88 -7.24 2.02 17.54
N GLY A 89 -7.65 1.28 16.52
CA GLY A 89 -6.82 1.14 15.33
C GLY A 89 -7.71 1.33 14.12
N LEU A 90 -7.12 1.63 12.96
CA LEU A 90 -7.90 1.85 11.76
C LEU A 90 -7.38 1.13 10.53
N LEU A 91 -8.29 0.50 9.79
CA LEU A 91 -7.97 -0.19 8.55
C LEU A 91 -8.92 0.36 7.49
N VAL A 92 -8.37 0.72 6.33
CA VAL A 92 -9.18 1.29 5.25
C VAL A 92 -8.99 0.55 3.93
N TYR A 93 -10.10 0.19 3.29
CA TYR A 93 -10.06 -0.51 2.01
C TYR A 93 -11.07 0.01 1.00
N CYS A 94 -10.65 0.09 -0.26
CA CYS A 94 -11.52 0.53 -1.33
C CYS A 94 -10.91 0.15 -2.68
N ASP A 95 -11.71 0.24 -3.73
CA ASP A 95 -11.22 -0.01 -5.07
C ASP A 95 -11.36 1.34 -5.79
N ASP A 96 -10.85 1.45 -7.01
CA ASP A 96 -10.92 2.71 -7.74
C ASP A 96 -12.31 3.34 -7.83
N GLU A 97 -13.31 2.51 -8.08
CA GLU A 97 -14.68 2.99 -8.19
C GLU A 97 -15.21 3.65 -6.93
N ASN A 98 -14.59 3.35 -5.79
CA ASN A 98 -15.05 3.91 -4.52
C ASN A 98 -13.99 4.72 -3.77
N LYS A 99 -12.87 5.01 -4.44
CA LYS A 99 -11.79 5.76 -3.81
C LYS A 99 -12.16 7.18 -3.38
N VAL A 100 -12.87 7.91 -4.24
CA VAL A 100 -13.27 9.26 -3.90
C VAL A 100 -14.20 9.23 -2.68
N PHE A 101 -15.15 8.30 -2.70
CA PHE A 101 -16.08 8.13 -1.60
C PHE A 101 -15.36 7.81 -0.29
N MSE A 102 -14.58 6.74 -0.29
CA MSE A 102 -13.86 6.34 0.91
C MSE A 102 -12.88 7.40 1.41
O MSE A 102 -12.75 7.62 2.62
CB MSE A 102 -13.10 5.03 0.68
CG MSE A 102 -12.33 4.54 1.89
SE MSE A 102 -13.45 4.34 3.47
CE MSE A 102 -14.37 2.75 2.96
N SER A 103 -12.21 8.09 0.49
CA SER A 103 -11.26 9.12 0.87
C SER A 103 -11.94 10.23 1.66
N LYS A 104 -13.16 10.57 1.25
CA LYS A 104 -13.91 11.63 1.93
C LYS A 104 -14.28 11.19 3.35
N ILE A 105 -14.72 9.94 3.49
CA ILE A 105 -15.09 9.40 4.80
C ILE A 105 -13.88 9.45 5.73
N VAL A 106 -12.73 9.00 5.25
CA VAL A 106 -11.52 9.02 6.05
C VAL A 106 -11.19 10.44 6.52
N ASP A 107 -11.36 11.41 5.63
CA ASP A 107 -11.06 12.80 5.97
C ASP A 107 -11.94 13.30 7.13
N ASN A 108 -13.13 12.72 7.26
CA ASN A 108 -14.04 13.14 8.31
C ASN A 108 -14.00 12.32 9.60
N LEU A 109 -13.09 11.37 9.69
CA LEU A 109 -12.97 10.56 10.90
C LEU A 109 -12.29 11.36 11.98
N PRO A 110 -12.52 11.01 13.26
CA PRO A 110 -11.89 11.72 14.37
C PRO A 110 -10.37 11.69 14.23
N THR A 111 -9.73 12.76 14.68
CA THR A 111 -8.27 12.87 14.60
C THR A 111 -7.55 11.66 15.21
N ALA A 112 -7.95 11.27 16.41
CA ALA A 112 -7.33 10.15 17.10
C ALA A 112 -7.39 8.85 16.32
N ILE A 113 -8.47 8.65 15.56
CA ILE A 113 -8.63 7.44 14.78
C ILE A 113 -7.72 7.44 13.56
N LYS A 114 -7.70 8.56 12.85
CA LYS A 114 -6.85 8.67 11.66
C LYS A 114 -5.38 8.52 11.99
N ARG A 115 -4.99 8.90 13.20
CA ARG A 115 -3.59 8.81 13.60
C ARG A 115 -3.14 7.39 13.88
N ASN A 116 -4.08 6.47 13.98
CA ASN A 116 -3.73 5.07 14.22
C ASN A 116 -4.05 4.20 13.02
N LEU A 117 -3.82 4.75 11.83
CA LEU A 117 -4.05 4.04 10.58
C LEU A 117 -3.00 2.94 10.46
N ILE A 118 -3.46 1.68 10.45
CA ILE A 118 -2.57 0.54 10.36
C ILE A 118 -2.26 0.14 8.92
N LYS A 119 -3.28 0.14 8.08
CA LYS A 119 -3.12 -0.21 6.68
C LYS A 119 -4.21 0.48 5.88
N ASP A 120 -3.82 1.07 4.76
CA ASP A 120 -4.75 1.75 3.89
C ASP A 120 -4.55 1.19 2.48
N PHE A 121 -5.43 0.29 2.07
CA PHE A 121 -5.35 -0.26 0.72
C PHE A 121 -6.45 0.50 0.02
N CYS A 122 -6.17 1.76 -0.32
CA CYS A 122 -7.17 2.58 -0.96
C CYS A 122 -6.63 3.86 -1.59
N ARG A 123 -6.28 4.83 -0.75
CA ARG A 123 -5.79 6.12 -1.23
C ARG A 123 -4.54 6.12 -2.12
N LYS A 124 -3.64 5.17 -1.92
CA LYS A 124 -2.44 5.13 -2.75
C LYS A 124 -2.64 4.36 -4.06
N LEU A 125 -3.84 3.82 -4.26
CA LEU A 125 -4.13 3.08 -5.49
C LEU A 125 -4.17 4.04 -6.68
N SER A 126 -3.56 3.64 -7.78
CA SER A 126 -3.54 4.47 -8.99
C SER A 126 -4.73 4.17 -9.89
N TYR B 3 15.34 2.43 -23.92
CA TYR B 3 14.41 2.58 -22.76
C TYR B 3 13.89 4.00 -22.63
N LYS B 4 12.62 4.16 -22.28
CA LYS B 4 12.06 5.50 -22.10
C LYS B 4 11.32 5.69 -20.77
N ASN B 5 11.12 4.60 -20.01
CA ASN B 5 10.46 4.71 -18.71
C ASN B 5 10.92 3.57 -17.81
N ILE B 6 11.89 3.88 -16.96
CA ILE B 6 12.48 2.92 -16.05
C ILE B 6 11.81 2.76 -14.71
N LEU B 7 11.50 1.51 -14.35
CA LEU B 7 10.91 1.23 -13.05
C LEU B 7 12.11 0.97 -12.15
N THR B 8 12.27 1.81 -11.12
CA THR B 8 13.38 1.65 -10.19
C THR B 8 12.85 1.25 -8.82
N LEU B 9 13.41 0.18 -8.26
CA LEU B 9 13.00 -0.30 -6.94
C LEU B 9 14.21 -0.21 -6.00
N ILE B 10 13.98 0.32 -4.81
CA ILE B 10 15.07 0.42 -3.85
C ILE B 10 14.62 0.25 -2.41
N SER B 11 15.41 -0.48 -1.65
CA SER B 11 15.15 -0.68 -0.24
C SER B 11 16.51 -0.77 0.42
N VAL B 12 16.85 0.28 1.16
CA VAL B 12 18.13 0.36 1.87
C VAL B 12 17.92 1.07 3.20
N ASN B 13 18.90 0.93 4.10
CA ASN B 13 18.84 1.61 5.39
C ASN B 13 18.99 3.10 5.11
N ASN B 14 18.52 3.92 6.04
CA ASN B 14 18.58 5.38 5.87
C ASN B 14 19.95 5.94 5.50
N ASP B 15 21.01 5.42 6.10
CA ASP B 15 22.34 5.95 5.81
C ASP B 15 22.89 5.60 4.43
N ASN B 16 22.15 4.80 3.67
CA ASN B 16 22.58 4.43 2.33
C ASN B 16 21.80 5.13 1.23
N PHE B 17 20.77 5.89 1.59
CA PHE B 17 19.95 6.56 0.58
C PHE B 17 20.70 7.50 -0.35
N GLU B 18 21.48 8.44 0.18
CA GLU B 18 22.20 9.39 -0.67
C GLU B 18 23.13 8.71 -1.68
N ASN B 19 23.98 7.81 -1.20
CA ASN B 19 24.91 7.12 -2.08
C ASN B 19 24.17 6.29 -3.14
N TYR B 20 23.13 5.57 -2.72
CA TYR B 20 22.37 4.76 -3.64
C TYR B 20 21.58 5.58 -4.67
N PHE B 21 21.03 6.72 -4.26
CA PHE B 21 20.28 7.52 -5.21
C PHE B 21 21.17 8.12 -6.30
N ARG B 22 22.40 8.48 -5.96
CA ARG B 22 23.27 9.01 -7.02
C ARG B 22 23.51 7.88 -8.02
N LYS B 23 23.62 6.65 -7.53
CA LYS B 23 23.83 5.50 -8.41
C LYS B 23 22.58 5.29 -9.27
N ILE B 24 21.40 5.40 -8.65
CA ILE B 24 20.15 5.23 -9.39
C ILE B 24 20.12 6.15 -10.62
N PHE B 25 20.37 7.43 -10.39
CA PHE B 25 20.36 8.40 -11.48
C PHE B 25 21.43 8.14 -12.53
N LEU B 26 22.60 7.67 -12.11
CA LEU B 26 23.65 7.36 -13.08
C LEU B 26 23.16 6.21 -13.96
N ASP B 27 22.59 5.18 -13.35
CA ASP B 27 22.10 4.04 -14.11
C ASP B 27 20.93 4.41 -15.03
N VAL B 28 20.05 5.28 -14.56
CA VAL B 28 18.93 5.71 -15.39
C VAL B 28 19.48 6.46 -16.60
N ARG B 29 20.47 7.33 -16.37
CA ARG B 29 21.06 8.07 -17.47
C ARG B 29 21.70 7.13 -18.49
N SER B 30 22.39 6.11 -18.01
CA SER B 30 23.04 5.13 -18.89
C SER B 30 22.05 4.34 -19.74
N SER B 31 20.83 4.13 -19.22
CA SER B 31 19.81 3.37 -19.92
C SER B 31 19.26 4.08 -21.15
N GLY B 32 19.50 5.39 -21.26
CA GLY B 32 19.01 6.15 -22.39
C GLY B 32 17.68 6.79 -22.07
N SER B 33 17.09 6.40 -20.95
CA SER B 33 15.80 6.94 -20.54
C SER B 33 15.96 8.31 -19.89
N LYS B 34 14.94 9.13 -20.05
CA LYS B 34 14.92 10.47 -19.46
C LYS B 34 13.93 10.45 -18.30
N LYS B 35 13.26 9.32 -18.12
CA LYS B 35 12.25 9.18 -17.08
C LYS B 35 12.34 7.89 -16.28
N THR B 36 11.94 7.97 -15.01
CA THR B 36 11.94 6.80 -14.14
C THR B 36 10.96 7.00 -13.00
N THR B 37 10.29 5.93 -12.62
CA THR B 37 9.38 5.97 -11.49
C THR B 37 10.11 5.19 -10.41
N ILE B 38 10.50 5.89 -9.35
CA ILE B 38 11.27 5.33 -8.25
C ILE B 38 10.40 4.91 -7.07
N ASN B 39 10.46 3.64 -6.73
CA ASN B 39 9.67 3.11 -5.63
C ASN B 39 10.61 2.72 -4.50
N VAL B 40 10.41 3.38 -3.36
CA VAL B 40 11.23 3.21 -2.18
C VAL B 40 10.48 2.48 -1.08
N PHE B 41 11.00 1.31 -0.71
CA PHE B 41 10.38 0.49 0.33
C PHE B 41 11.11 0.81 1.62
N THR B 42 10.48 1.69 2.39
CA THR B 42 11.04 2.19 3.64
C THR B 42 9.93 2.62 4.59
N GLU B 43 10.28 2.78 5.87
CA GLU B 43 9.31 3.20 6.86
C GLU B 43 9.36 4.71 7.11
N ILE B 44 10.38 5.39 6.57
CA ILE B 44 10.49 6.82 6.79
C ILE B 44 9.55 7.65 5.91
N GLN B 45 9.33 8.90 6.34
CA GLN B 45 8.45 9.82 5.63
C GLN B 45 9.13 10.44 4.40
N TYR B 46 8.31 10.91 3.47
CA TYR B 46 8.79 11.53 2.24
C TYR B 46 9.76 12.68 2.53
N GLN B 47 9.37 13.57 3.43
CA GLN B 47 10.20 14.73 3.78
C GLN B 47 11.57 14.33 4.32
N GLU B 48 11.61 13.27 5.11
CA GLU B 48 12.89 12.83 5.67
C GLU B 48 13.78 12.28 4.57
N LEU B 49 13.19 11.52 3.65
CA LEU B 49 13.94 10.94 2.55
C LEU B 49 14.57 12.04 1.71
N VAL B 50 13.75 13.00 1.29
CA VAL B 50 14.25 14.10 0.47
C VAL B 50 15.37 14.86 1.17
N THR B 51 15.28 15.01 2.49
CA THR B 51 16.34 15.71 3.21
C THR B 51 17.65 14.94 3.05
N LEU B 52 17.58 13.62 3.20
CA LEU B 52 18.77 12.78 3.08
C LEU B 52 19.40 12.76 1.69
N ILE B 53 18.56 12.77 0.66
CA ILE B 53 19.05 12.71 -0.72
C ILE B 53 19.06 14.05 -1.47
N ARG B 54 19.10 15.15 -0.72
CA ARG B 54 19.10 16.47 -1.31
C ARG B 54 20.14 16.61 -2.42
N GLU B 55 21.36 16.16 -2.17
CA GLU B 55 22.43 16.26 -3.16
C GLU B 55 22.15 15.44 -4.43
N ALA B 56 21.71 14.20 -4.25
CA ALA B 56 21.41 13.35 -5.41
C ALA B 56 20.36 14.02 -6.29
N LEU B 57 19.32 14.57 -5.67
CA LEU B 57 18.26 15.23 -6.43
C LEU B 57 18.76 16.51 -7.11
N LEU B 58 19.63 17.24 -6.40
CA LEU B 58 20.19 18.48 -6.92
C LEU B 58 20.96 18.26 -8.22
N GLU B 59 21.65 17.13 -8.31
CA GLU B 59 22.44 16.79 -9.50
C GLU B 59 21.62 16.20 -10.64
N ASN B 60 20.33 16.00 -10.39
CA ASN B 60 19.48 15.39 -11.41
C ASN B 60 18.14 16.07 -11.64
N ILE B 61 18.18 17.40 -11.63
CA ILE B 61 16.98 18.19 -11.84
C ILE B 61 16.37 17.94 -13.21
N ASP B 62 17.21 17.66 -14.22
CA ASP B 62 16.68 17.43 -15.55
C ASP B 62 16.20 16.00 -15.84
N ILE B 63 16.20 15.16 -14.81
CA ILE B 63 15.71 13.78 -14.99
C ILE B 63 14.23 13.76 -14.60
N GLY B 64 13.40 13.16 -15.46
CA GLY B 64 11.98 13.09 -15.18
C GLY B 64 11.64 11.94 -14.24
N TYR B 65 11.77 12.19 -12.95
CA TYR B 65 11.49 11.15 -11.96
C TYR B 65 10.31 11.46 -11.06
N GLU B 66 9.74 10.40 -10.49
CA GLU B 66 8.65 10.53 -9.54
C GLU B 66 9.01 9.55 -8.44
N LEU B 67 8.78 9.96 -7.19
CA LEU B 67 9.11 9.12 -6.05
C LEU B 67 7.84 8.61 -5.37
N PHE B 68 7.82 7.31 -5.09
CA PHE B 68 6.71 6.70 -4.40
C PHE B 68 7.31 5.92 -3.24
N LEU B 69 6.82 6.19 -2.02
CA LEU B 69 7.32 5.48 -0.85
C LEU B 69 6.30 4.45 -0.42
N TRP B 70 6.78 3.27 -0.03
CA TRP B 70 5.89 2.19 0.40
C TRP B 70 6.36 1.57 1.71
N LYS B 71 5.47 1.51 2.69
CA LYS B 71 5.81 0.88 3.95
C LYS B 71 5.80 -0.63 3.69
N LYS B 72 6.41 -1.40 4.58
CA LYS B 72 6.51 -2.85 4.37
C LYS B 72 5.20 -3.59 4.11
N ASN B 73 4.09 -3.09 4.66
CA ASN B 73 2.82 -3.76 4.44
C ASN B 73 2.05 -3.22 3.24
N GLU B 74 2.69 -2.35 2.46
CA GLU B 74 2.04 -1.76 1.30
C GLU B 74 2.55 -2.29 -0.04
N VAL B 75 3.32 -3.38 -0.01
CA VAL B 75 3.83 -3.93 -1.25
C VAL B 75 2.68 -4.35 -2.17
N ASP B 76 1.56 -4.77 -1.60
CA ASP B 76 0.44 -5.17 -2.44
C ASP B 76 -0.16 -4.00 -3.22
N ILE B 77 -0.07 -2.79 -2.66
CA ILE B 77 -0.60 -1.61 -3.35
C ILE B 77 0.30 -1.32 -4.54
N PHE B 78 1.61 -1.38 -4.29
CA PHE B 78 2.62 -1.15 -5.32
C PHE B 78 2.42 -2.14 -6.48
N LEU B 79 2.29 -3.42 -6.14
CA LEU B 79 2.11 -4.44 -7.17
C LEU B 79 0.81 -4.27 -7.96
N LYS B 80 -0.25 -3.85 -7.28
CA LYS B 80 -1.54 -3.65 -7.94
C LYS B 80 -1.43 -2.51 -8.95
N ASN B 81 -0.77 -1.44 -8.55
CA ASN B 81 -0.59 -0.27 -9.42
C ASN B 81 0.23 -0.58 -10.66
N LEU B 82 1.08 -1.60 -10.58
CA LEU B 82 1.91 -1.97 -11.73
C LEU B 82 1.05 -2.45 -12.90
N GLU B 83 -0.18 -2.85 -12.62
CA GLU B 83 -1.05 -3.32 -13.69
C GLU B 83 -1.32 -2.19 -14.69
N LYS B 84 -1.19 -0.95 -14.23
CA LYS B 84 -1.43 0.21 -15.07
C LYS B 84 -0.16 0.94 -15.51
N SER B 85 0.99 0.31 -15.31
CA SER B 85 2.26 0.93 -15.68
C SER B 85 2.67 0.64 -17.12
N GLU B 86 3.53 1.50 -17.66
CA GLU B 86 4.05 1.32 -19.02
C GLU B 86 5.57 1.33 -19.04
N VAL B 87 6.18 0.87 -17.96
CA VAL B 87 7.64 0.82 -17.87
C VAL B 87 8.23 -0.20 -18.84
N ASP B 88 9.42 0.07 -19.35
CA ASP B 88 10.07 -0.84 -20.29
C ASP B 88 11.45 -1.30 -19.84
N GLY B 89 11.82 -0.92 -18.62
CA GLY B 89 13.12 -1.31 -18.08
C GLY B 89 13.02 -1.35 -16.56
N LEU B 90 13.85 -2.18 -15.94
CA LEU B 90 13.82 -2.34 -14.47
C LEU B 90 15.19 -2.29 -13.80
N LEU B 91 15.29 -1.47 -12.76
CA LEU B 91 16.52 -1.33 -11.97
C LEU B 91 16.18 -1.71 -10.53
N VAL B 92 16.99 -2.56 -9.92
CA VAL B 92 16.74 -3.01 -8.55
C VAL B 92 17.96 -2.75 -7.65
N TYR B 93 17.71 -2.16 -6.47
CA TYR B 93 18.76 -1.84 -5.51
C TYR B 93 18.38 -2.18 -4.08
N CYS B 94 19.36 -2.63 -3.31
CA CYS B 94 19.13 -2.93 -1.90
C CYS B 94 20.47 -3.09 -1.20
N ASP B 95 20.45 -3.14 0.13
CA ASP B 95 21.67 -3.38 0.89
C ASP B 95 21.44 -4.70 1.60
N ASP B 96 22.42 -5.19 2.35
CA ASP B 96 22.27 -6.47 3.01
C ASP B 96 21.08 -6.60 3.96
N GLU B 97 20.83 -5.56 4.75
CA GLU B 97 19.72 -5.60 5.70
C GLU B 97 18.34 -5.74 5.04
N ASN B 98 18.24 -5.38 3.77
CA ASN B 98 16.96 -5.44 3.08
C ASN B 98 16.92 -6.36 1.86
N LYS B 99 17.97 -7.16 1.68
CA LYS B 99 18.06 -8.06 0.54
C LYS B 99 16.97 -9.13 0.44
N VAL B 100 16.69 -9.82 1.54
CA VAL B 100 15.68 -10.86 1.53
C VAL B 100 14.31 -10.28 1.15
N PHE B 101 14.00 -9.14 1.74
CA PHE B 101 12.72 -8.45 1.49
C PHE B 101 12.62 -8.03 0.03
N MSE B 102 13.64 -7.34 -0.48
CA MSE B 102 13.61 -6.90 -1.86
C MSE B 102 13.53 -8.08 -2.83
O MSE B 102 12.84 -8.01 -3.84
CB MSE B 102 14.83 -6.06 -2.19
CG MSE B 102 14.93 -5.68 -3.67
SE MSE B 102 13.38 -4.68 -4.30
CE MSE B 102 13.78 -3.07 -3.41
N SER B 103 14.23 -9.17 -2.51
CA SER B 103 14.20 -10.34 -3.36
C SER B 103 12.77 -10.87 -3.52
N LYS B 104 12.00 -10.84 -2.43
CA LYS B 104 10.62 -11.31 -2.48
C LYS B 104 9.77 -10.37 -3.34
N ILE B 105 10.05 -9.08 -3.28
CA ILE B 105 9.30 -8.12 -4.08
C ILE B 105 9.59 -8.43 -5.55
N VAL B 106 10.86 -8.58 -5.89
CA VAL B 106 11.24 -8.87 -7.27
C VAL B 106 10.59 -10.16 -7.77
N ASP B 107 10.59 -11.20 -6.93
CA ASP B 107 10.00 -12.48 -7.29
C ASP B 107 8.54 -12.37 -7.70
N ASN B 108 7.85 -11.36 -7.19
CA ASN B 108 6.44 -11.18 -7.47
C ASN B 108 6.07 -10.11 -8.47
N LEU B 109 7.06 -9.58 -9.19
CA LEU B 109 6.79 -8.57 -10.19
C LEU B 109 6.12 -9.23 -11.38
N PRO B 110 5.31 -8.48 -12.13
CA PRO B 110 4.64 -9.05 -13.30
C PRO B 110 5.72 -9.58 -14.23
N THR B 111 5.44 -10.72 -14.87
CA THR B 111 6.39 -11.35 -15.76
C THR B 111 7.09 -10.42 -16.76
N ALA B 112 6.30 -9.61 -17.47
CA ALA B 112 6.82 -8.68 -18.46
C ALA B 112 7.76 -7.63 -17.89
N ILE B 113 7.50 -7.21 -16.65
CA ILE B 113 8.34 -6.22 -16.01
C ILE B 113 9.62 -6.85 -15.48
N LYS B 114 9.49 -7.99 -14.82
CA LYS B 114 10.63 -8.70 -14.24
C LYS B 114 11.65 -9.04 -15.34
N ARG B 115 11.12 -9.43 -16.48
CA ARG B 115 11.91 -9.81 -17.64
C ARG B 115 12.82 -8.67 -18.13
N ASN B 116 12.35 -7.44 -17.98
CA ASN B 116 13.10 -6.26 -18.41
C ASN B 116 14.15 -5.76 -17.42
N LEU B 117 14.63 -6.65 -16.56
CA LEU B 117 15.63 -6.30 -15.57
C LEU B 117 16.92 -5.87 -16.28
N ILE B 118 17.34 -4.64 -16.04
CA ILE B 118 18.54 -4.08 -16.65
C ILE B 118 19.73 -4.25 -15.73
N LYS B 119 19.51 -3.99 -14.45
CA LYS B 119 20.56 -4.07 -13.46
C LYS B 119 20.00 -4.43 -12.09
N ASP B 120 20.71 -5.29 -11.38
CA ASP B 120 20.30 -5.71 -10.05
C ASP B 120 21.48 -5.57 -9.11
N PHE B 121 21.53 -4.45 -8.38
CA PHE B 121 22.60 -4.21 -7.43
C PHE B 121 21.96 -4.56 -6.10
N CYS B 122 21.75 -5.85 -5.89
CA CYS B 122 21.08 -6.30 -4.68
C CYS B 122 21.26 -7.77 -4.30
N ARG B 123 20.67 -8.66 -5.07
CA ARG B 123 20.71 -10.08 -4.78
C ARG B 123 22.09 -10.73 -4.65
N LYS B 124 23.05 -10.26 -5.44
CA LYS B 124 24.40 -10.85 -5.38
C LYS B 124 25.35 -10.17 -4.40
N LEU B 125 24.87 -9.15 -3.68
CA LEU B 125 25.71 -8.47 -2.71
C LEU B 125 26.00 -9.39 -1.52
N SER B 126 27.22 -9.33 -1.02
CA SER B 126 27.63 -10.13 0.12
C SER B 126 27.48 -9.33 1.42
S SO4 C . 27.57 12.96 -1.59
O1 SO4 C . 27.16 13.16 -0.21
O2 SO4 C . 27.49 14.24 -2.31
O3 SO4 C . 26.68 12.00 -2.24
O4 SO4 C . 28.94 12.47 -1.62
#